data_2A1X
#
_entry.id   2A1X
#
_cell.length_a   67.929
_cell.length_b   86.677
_cell.length_c   97.541
_cell.angle_alpha   90.00
_cell.angle_beta   90.00
_cell.angle_gamma   90.00
#
_symmetry.space_group_name_H-M   'I 2 2 2'
#
loop_
_entity.id
_entity.type
_entity.pdbx_description
1 polymer 'Phytanoyl-CoA dioxygenase'
2 non-polymer 'FE (II) ION'
3 non-polymer '2-OXOGLUTARIC ACID'
4 water water
#
_entity_poly.entity_id   1
_entity_poly.type   'polypeptide(L)'
_entity_poly.pdbx_seq_one_letter_code
;SGTISSASFHPQQFQYTLDNNVLTLEQRKFYEENGFLVIKNLVPDADIQRFRNEFEKICRKEVKPLGLTVMRDVTISKSE
YAPSEKMITKVQDFQEDKELFRYCTLPEILKYVECFTGPNIMAMHTMLINKPPDSGKKTSRHPLHQDLHYFPFRPSDLIV
CAWTAMEHISRNNGCLVVLPGTHKGSLKPHDYPKWEGGVNKMFHGIQDYEENKARVHLVMEKGDTVFFHPLLIHGSGQNK
TQGFRKAISCHFASADCHYIDVKGTSQENIEKEVVGIAHKFFGAENSVNLKDIWMFRARLVKGERTNL
;
_entity_poly.pdbx_strand_id   A
#
# COMPACT_ATOMS: atom_id res chain seq x y z
CA GLN A 13 -9.29 -21.30 -12.54
C GLN A 13 -8.36 -20.37 -11.74
N PHE A 14 -8.61 -19.06 -11.81
CA PHE A 14 -7.78 -18.09 -11.09
C PHE A 14 -8.23 -17.94 -9.62
N GLN A 15 -7.31 -17.70 -8.70
CA GLN A 15 -7.65 -17.47 -7.29
C GLN A 15 -7.48 -16.04 -6.87
N TYR A 16 -6.69 -15.28 -7.61
CA TYR A 16 -6.24 -13.97 -7.16
C TYR A 16 -6.87 -12.80 -7.90
N THR A 17 -7.66 -13.11 -8.92
CA THR A 17 -8.33 -12.11 -9.75
C THR A 17 -9.71 -12.62 -10.11
N LEU A 18 -10.62 -11.70 -10.44
CA LEU A 18 -11.97 -12.04 -10.92
C LEU A 18 -12.06 -11.79 -12.43
N ASP A 19 -13.24 -12.03 -13.02
CA ASP A 19 -13.43 -11.94 -14.48
C ASP A 19 -13.35 -10.49 -14.99
N ASN A 20 -12.70 -10.32 -16.14
CA ASN A 20 -12.35 -9.00 -16.72
C ASN A 20 -11.27 -8.30 -15.89
N LEU A 23 -10.65 -5.33 -18.60
CA LEU A 23 -9.46 -4.63 -18.08
C LEU A 23 -8.21 -5.35 -18.48
N THR A 24 -8.27 -6.66 -18.38
CA THR A 24 -7.10 -7.44 -18.17
C THR A 24 -7.08 -8.70 -19.06
N LEU A 25 -5.86 -9.11 -19.39
CA LEU A 25 -5.54 -10.12 -20.38
C LEU A 25 -4.92 -11.33 -19.64
N GLU A 26 -3.86 -11.92 -20.20
CA GLU A 26 -2.97 -12.84 -19.46
C GLU A 26 -1.94 -12.07 -18.60
N GLN A 27 -2.21 -10.81 -18.36
CA GLN A 27 -1.64 -10.13 -17.24
C GLN A 27 -2.34 -10.60 -15.93
N ARG A 28 -3.42 -11.38 -16.07
CA ARG A 28 -3.96 -12.15 -14.95
C ARG A 28 -3.01 -13.27 -14.64
N LYS A 29 -2.63 -14.01 -15.67
CA LYS A 29 -1.65 -15.11 -15.54
C LYS A 29 -0.37 -14.62 -14.85
N PHE A 30 0.02 -13.39 -15.17
CA PHE A 30 1.16 -12.75 -14.52
C PHE A 30 0.89 -12.54 -13.02
N TYR A 31 -0.21 -11.86 -12.70
CA TYR A 31 -0.59 -11.64 -11.30
C TYR A 31 -0.62 -12.95 -10.52
N GLU A 32 -1.21 -13.98 -11.13
CA GLU A 32 -1.39 -15.26 -10.47
C GLU A 32 -0.10 -16.00 -10.16
N GLU A 33 0.85 -15.99 -11.10
CA GLU A 33 2.17 -16.57 -10.88
C GLU A 33 3.09 -15.69 -9.99
N ASN A 34 2.88 -14.37 -10.00
CA ASN A 34 3.81 -13.39 -9.41
C ASN A 34 3.32 -12.63 -8.20
N GLY A 35 2.03 -12.32 -8.17
CA GLY A 35 1.42 -11.65 -7.03
C GLY A 35 1.48 -10.14 -7.09
N PHE A 36 1.99 -9.62 -8.22
CA PHE A 36 1.98 -8.18 -8.49
C PHE A 36 1.69 -7.91 -9.95
N LEU A 37 1.20 -6.70 -10.21
CA LEU A 37 1.04 -6.23 -11.58
C LEU A 37 1.23 -4.72 -11.66
N VAL A 38 2.04 -4.30 -12.63
CA VAL A 38 2.32 -2.89 -12.88
C VAL A 38 1.60 -2.39 -14.14
N ILE A 39 0.75 -1.39 -13.91
CA ILE A 39 0.02 -0.71 -14.96
C ILE A 39 0.71 0.61 -15.21
N LYS A 40 1.18 0.81 -16.43
CA LYS A 40 2.00 1.96 -16.80
C LYS A 40 1.15 3.22 -16.85
N ASN A 41 1.75 4.37 -16.52
CA ASN A 41 1.09 5.68 -16.61
C ASN A 41 -0.40 5.62 -16.29
N LEU A 42 -0.72 5.25 -15.05
CA LEU A 42 -2.10 5.01 -14.68
C LEU A 42 -2.76 6.25 -14.10
N VAL A 43 -2.00 7.02 -13.32
CA VAL A 43 -2.53 8.22 -12.68
C VAL A 43 -1.98 9.45 -13.42
N PRO A 44 -2.86 10.35 -13.90
CA PRO A 44 -2.44 11.58 -14.56
C PRO A 44 -1.40 12.40 -13.78
N ASP A 45 -0.44 12.99 -14.51
CA ASP A 45 0.50 13.96 -13.94
C ASP A 45 -0.24 15.00 -13.10
N ALA A 46 -1.42 15.41 -13.58
CA ALA A 46 -2.24 16.42 -12.90
C ALA A 46 -2.57 15.99 -11.47
N ASP A 47 -2.98 14.73 -11.31
CA ASP A 47 -3.36 14.21 -9.99
C ASP A 47 -2.16 13.99 -9.06
N ILE A 48 -1.04 13.58 -9.64
CA ILE A 48 0.18 13.35 -8.85
C ILE A 48 0.65 14.67 -8.21
N GLN A 49 0.60 15.74 -9.00
CA GLN A 49 1.00 17.07 -8.56
C GLN A 49 0.08 17.58 -7.45
N ARG A 50 -1.22 17.35 -7.59
CA ARG A 50 -2.16 17.63 -6.50
C ARG A 50 -1.79 16.89 -5.18
N PHE A 51 -1.40 15.61 -5.27
CA PHE A 51 -0.96 14.88 -4.05
C PHE A 51 0.31 15.51 -3.46
N ARG A 52 1.28 15.81 -4.34
CA ARG A 52 2.52 16.49 -3.95
C ARG A 52 2.21 17.78 -3.17
N ASN A 53 1.40 18.65 -3.78
CA ASN A 53 0.99 19.92 -3.21
C ASN A 53 0.41 19.79 -1.81
N GLU A 54 -0.54 18.87 -1.64
CA GLU A 54 -1.20 18.67 -0.33
C GLU A 54 -0.26 18.15 0.75
N PHE A 55 0.61 17.19 0.38
CA PHE A 55 1.66 16.68 1.26
C PHE A 55 2.51 17.80 1.81
N GLU A 56 3.02 18.65 0.92
CA GLU A 56 3.87 19.77 1.33
C GLU A 56 3.16 20.76 2.27
N LYS A 57 1.88 21.03 2.01
CA LYS A 57 1.07 21.83 2.96
C LYS A 57 1.05 21.16 4.34
N ILE A 58 0.84 19.85 4.37
CA ILE A 58 0.91 19.14 5.64
C ILE A 58 2.31 19.34 6.21
N CYS A 59 3.32 19.15 5.37
CA CYS A 59 4.74 19.36 5.75
C CYS A 59 5.02 20.76 6.35
N ARG A 60 4.33 21.79 5.87
CA ARG A 60 4.44 23.14 6.49
C ARG A 60 3.44 23.41 7.64
N LYS A 61 2.74 22.37 8.10
CA LYS A 61 1.75 22.52 9.17
C LYS A 61 0.73 23.63 8.84
N GLU A 62 0.40 23.75 7.56
CA GLU A 62 -0.61 24.70 7.08
C GLU A 62 -1.98 24.00 7.03
N VAL A 63 -1.97 22.73 6.65
CA VAL A 63 -3.15 21.88 6.68
C VAL A 63 -2.96 20.80 7.77
N LYS A 64 -3.94 20.65 8.66
CA LYS A 64 -3.88 19.65 9.74
C LYS A 64 -5.11 18.72 9.69
N PRO A 65 -5.07 17.69 8.83
CA PRO A 65 -6.18 16.74 8.70
C PRO A 65 -6.52 16.04 10.02
N LEU A 66 -7.74 15.49 10.10
CA LEU A 66 -8.34 15.14 11.40
C LEU A 66 -7.58 14.04 12.15
N GLY A 67 -7.65 12.82 11.64
CA GLY A 67 -7.04 11.68 12.34
C GLY A 67 -5.70 11.26 11.79
N LEU A 68 -4.99 12.18 11.15
CA LEU A 68 -3.75 11.85 10.44
C LEU A 68 -2.58 11.53 11.36
N THR A 69 -1.82 10.50 10.98
CA THR A 69 -0.62 10.09 11.69
C THR A 69 0.63 10.55 10.90
N VAL A 70 1.61 11.10 11.61
CA VAL A 70 2.81 11.62 10.97
C VAL A 70 4.03 10.94 11.58
N MET A 71 4.89 10.42 10.72
CA MET A 71 6.17 9.85 11.12
C MET A 71 7.23 10.87 10.75
N ARG A 72 8.06 11.23 11.71
CA ARG A 72 9.22 12.06 11.46
C ARG A 72 10.48 11.31 11.88
N ASP A 73 10.86 10.30 11.10
CA ASP A 73 11.95 9.41 11.49
C ASP A 73 13.38 9.88 11.11
N VAL A 74 13.51 11.12 10.66
CA VAL A 74 14.82 11.68 10.28
C VAL A 74 14.90 13.14 10.67
N THR A 75 16.04 13.54 11.23
CA THR A 75 16.29 14.94 11.55
C THR A 75 17.56 15.45 10.88
N ILE A 76 17.64 16.77 10.75
CA ILE A 76 18.62 17.43 9.91
C ILE A 76 19.09 18.68 10.64
N SER A 77 20.39 18.99 10.54
CA SER A 77 21.02 20.07 11.31
C SER A 77 22.09 20.82 10.54
N LYS A 78 22.33 22.07 10.91
CA LYS A 78 23.22 22.96 10.16
C LYS A 78 23.98 23.92 11.07
N SER A 84 18.13 20.65 16.14
CA SER A 84 17.85 20.15 14.80
C SER A 84 16.38 20.41 14.44
N GLU A 85 15.91 19.79 13.36
CA GLU A 85 14.53 19.99 12.89
C GLU A 85 14.08 18.74 12.15
N LYS A 86 12.93 18.18 12.56
CA LYS A 86 12.50 16.85 12.09
C LYS A 86 11.68 16.91 10.80
N MET A 87 11.90 15.93 9.92
CA MET A 87 11.27 15.91 8.61
C MET A 87 10.26 14.76 8.50
N ILE A 88 9.15 15.02 7.82
CA ILE A 88 8.12 14.00 7.61
C ILE A 88 8.59 12.93 6.61
N THR A 89 8.49 11.66 7.01
CA THR A 89 8.94 10.52 6.17
C THR A 89 7.80 9.60 5.73
N LYS A 90 6.67 9.73 6.41
CA LYS A 90 5.44 9.05 6.07
C LYS A 90 4.27 9.77 6.76
N VAL A 91 3.12 9.73 6.10
CA VAL A 91 1.83 10.06 6.71
C VAL A 91 0.86 8.92 6.46
N GLN A 92 0.13 8.50 7.50
CA GLN A 92 -0.88 7.46 7.39
C GLN A 92 -2.26 7.93 7.89
N ASP A 93 -3.32 7.29 7.39
CA ASP A 93 -4.70 7.60 7.76
C ASP A 93 -5.10 9.01 7.34
N PHE A 94 -5.00 9.26 6.03
CA PHE A 94 -5.31 10.56 5.43
C PHE A 94 -6.69 10.55 4.78
N GLN A 95 -7.52 9.59 5.18
CA GLN A 95 -8.89 9.45 4.68
C GLN A 95 -9.79 10.66 4.94
N GLU A 96 -9.46 11.47 5.95
CA GLU A 96 -10.19 12.72 6.22
C GLU A 96 -9.53 13.98 5.60
N ASP A 97 -8.49 13.76 4.80
CA ASP A 97 -7.88 14.79 3.94
C ASP A 97 -8.35 14.59 2.49
N LYS A 98 -8.96 15.63 1.93
CA LYS A 98 -9.71 15.57 0.67
C LYS A 98 -8.91 15.28 -0.63
N GLU A 99 -7.76 15.91 -0.76
CA GLU A 99 -6.97 15.79 -2.00
C GLU A 99 -6.26 14.45 -2.02
N LEU A 100 -5.75 14.06 -0.85
CA LEU A 100 -5.11 12.76 -0.67
C LEU A 100 -6.12 11.62 -0.84
N PHE A 101 -7.31 11.80 -0.27
CA PHE A 101 -8.35 10.77 -0.35
C PHE A 101 -8.94 10.58 -1.77
N ARG A 102 -8.72 11.52 -2.68
CA ARG A 102 -9.15 11.33 -4.07
C ARG A 102 -8.42 10.13 -4.70
N TYR A 103 -7.25 9.80 -4.15
CA TYR A 103 -6.50 8.64 -4.61
C TYR A 103 -7.38 7.40 -4.49
N CYS A 104 -8.08 7.29 -3.36
CA CYS A 104 -8.94 6.14 -3.06
C CYS A 104 -10.19 6.08 -3.93
N THR A 105 -10.67 7.24 -4.35
CA THR A 105 -11.92 7.37 -5.07
C THR A 105 -11.70 7.46 -6.57
N LEU A 106 -10.44 7.41 -7.00
CA LEU A 106 -10.08 7.73 -8.38
C LEU A 106 -10.52 6.59 -9.28
N PRO A 107 -11.36 6.88 -10.29
CA PRO A 107 -11.91 5.81 -11.11
C PRO A 107 -10.86 4.99 -11.88
N GLU A 108 -9.72 5.60 -12.18
CA GLU A 108 -8.65 4.86 -12.84
C GLU A 108 -8.09 3.78 -11.92
N ILE A 109 -7.97 4.10 -10.64
CA ILE A 109 -7.54 3.13 -9.64
C ILE A 109 -8.58 2.00 -9.43
N LEU A 110 -9.87 2.36 -9.46
CA LEU A 110 -10.92 1.42 -9.05
C LEU A 110 -11.29 0.41 -10.12
N LYS A 111 -11.29 0.81 -11.39
CA LYS A 111 -11.50 -0.12 -12.50
C LYS A 111 -10.59 -1.35 -12.39
N TYR A 112 -9.42 -1.17 -11.77
CA TYR A 112 -8.46 -2.24 -11.56
C TYR A 112 -8.65 -2.90 -10.19
N VAL A 113 -8.86 -2.09 -9.13
CA VAL A 113 -9.07 -2.65 -7.79
C VAL A 113 -10.20 -3.69 -7.77
N GLU A 114 -11.27 -3.37 -8.47
CA GLU A 114 -12.42 -4.27 -8.53
C GLU A 114 -12.05 -5.67 -9.05
N CYS A 115 -11.06 -5.75 -9.94
CA CYS A 115 -10.60 -7.04 -10.47
C CYS A 115 -10.14 -7.99 -9.37
N PHE A 116 -9.66 -7.44 -8.25
CA PHE A 116 -9.23 -8.25 -7.10
C PHE A 116 -10.30 -8.34 -6.00
N THR A 117 -10.98 -7.22 -5.72
CA THR A 117 -11.90 -7.14 -4.58
C THR A 117 -13.37 -7.50 -4.90
N GLY A 118 -13.82 -7.24 -6.12
CA GLY A 118 -15.24 -7.33 -6.46
C GLY A 118 -15.86 -5.95 -6.34
N PRO A 119 -17.17 -5.84 -6.63
CA PRO A 119 -17.83 -4.53 -6.74
C PRO A 119 -18.12 -3.77 -5.44
N ASN A 120 -18.00 -4.42 -4.29
CA ASN A 120 -18.17 -3.72 -3.01
C ASN A 120 -16.78 -3.47 -2.50
N ILE A 121 -16.35 -2.20 -2.48
CA ILE A 121 -14.94 -1.89 -2.16
C ILE A 121 -14.75 -0.92 -0.96
N MET A 122 -13.89 -1.32 -0.04
CA MET A 122 -13.52 -0.53 1.15
C MET A 122 -12.07 -0.08 1.02
N ALA A 123 -11.81 1.21 1.21
CA ALA A 123 -10.44 1.70 1.30
C ALA A 123 -10.01 1.56 2.75
N MET A 124 -9.10 0.63 3.01
CA MET A 124 -8.80 0.19 4.39
C MET A 124 -7.58 0.83 5.06
N HIS A 125 -6.46 0.96 4.34
CA HIS A 125 -5.24 1.59 4.90
C HIS A 125 -4.68 2.56 3.90
N THR A 126 -4.42 3.79 4.35
CA THR A 126 -3.90 4.85 3.50
C THR A 126 -2.50 5.30 3.93
N MET A 127 -1.55 5.38 2.98
CA MET A 127 -0.19 5.89 3.25
C MET A 127 0.33 6.83 2.17
N LEU A 128 1.06 7.87 2.54
CA LEU A 128 1.99 8.57 1.62
C LEU A 128 3.41 8.44 2.17
N ILE A 129 4.32 7.90 1.36
CA ILE A 129 5.65 7.52 1.83
C ILE A 129 6.72 8.45 1.29
N ASN A 130 7.50 9.03 2.18
CA ASN A 130 8.50 10.04 1.81
C ASN A 130 9.90 9.55 2.20
N LYS A 131 10.42 8.59 1.44
CA LYS A 131 11.58 7.81 1.86
C LYS A 131 12.87 8.64 1.84
N PRO A 132 13.55 8.76 2.99
CA PRO A 132 14.68 9.65 3.09
C PRO A 132 15.94 9.04 2.49
N PRO A 133 17.01 9.86 2.29
CA PRO A 133 18.32 9.33 1.88
C PRO A 133 18.93 8.40 2.93
N ASP A 134 19.19 7.15 2.56
CA ASP A 134 19.81 6.20 3.50
C ASP A 134 21.27 6.58 3.71
N PRO A 143 14.64 -4.35 4.78
CA PRO A 143 13.96 -5.41 5.51
C PRO A 143 12.63 -5.82 4.91
N LEU A 144 12.45 -7.13 4.76
CA LEU A 144 11.31 -7.64 3.97
C LEU A 144 10.10 -8.07 4.79
N HIS A 145 8.92 -7.96 4.21
CA HIS A 145 7.69 -8.24 4.92
C HIS A 145 6.47 -8.49 4.06
N GLN A 146 5.36 -8.76 4.75
CA GLN A 146 4.05 -9.02 4.15
C GLN A 146 3.11 -8.04 4.78
N ASP A 147 2.49 -7.19 3.98
CA ASP A 147 1.53 -6.22 4.54
C ASP A 147 0.46 -6.83 5.42
N LEU A 148 0.06 -8.08 5.14
CA LEU A 148 -1.02 -8.75 5.89
C LEU A 148 -0.70 -8.97 7.35
N HIS A 149 0.57 -8.95 7.69
CA HIS A 149 0.87 -9.11 9.09
C HIS A 149 0.08 -8.10 9.91
N TYR A 150 -0.14 -6.93 9.33
CA TYR A 150 -0.79 -5.84 10.02
C TYR A 150 -2.32 -5.80 9.86
N PHE A 151 -2.88 -6.71 9.08
CA PHE A 151 -4.31 -6.64 8.73
C PHE A 151 -5.09 -7.76 9.40
N PRO A 152 -5.93 -7.43 10.38
CA PRO A 152 -6.70 -8.49 11.02
C PRO A 152 -8.03 -8.63 10.33
N PHE A 153 -8.02 -8.91 9.03
CA PHE A 153 -9.24 -9.17 8.28
C PHE A 153 -8.95 -10.12 7.12
N ARG A 154 -9.94 -10.91 6.71
CA ARG A 154 -9.74 -11.96 5.70
C ARG A 154 -10.96 -12.08 4.77
N PRO A 155 -10.87 -12.84 3.66
CA PRO A 155 -9.70 -13.47 2.99
C PRO A 155 -8.67 -12.48 2.42
N SER A 156 -7.38 -12.79 2.58
CA SER A 156 -6.33 -12.00 1.93
C SER A 156 -6.46 -11.86 0.39
N ASP A 157 -7.14 -12.80 -0.27
CA ASP A 157 -7.20 -12.78 -1.73
C ASP A 157 -8.09 -11.64 -2.25
N LEU A 158 -8.98 -11.15 -1.39
CA LEU A 158 -9.90 -10.06 -1.72
C LEU A 158 -9.39 -8.69 -1.21
N ILE A 159 -8.07 -8.61 -1.00
CA ILE A 159 -7.39 -7.43 -0.48
C ILE A 159 -6.27 -7.08 -1.45
N VAL A 160 -6.11 -5.80 -1.76
CA VAL A 160 -5.06 -5.38 -2.68
C VAL A 160 -4.44 -4.03 -2.31
N CYS A 161 -3.12 -3.96 -2.39
CA CYS A 161 -2.43 -2.69 -2.26
C CYS A 161 -2.32 -2.00 -3.61
N ALA A 162 -2.67 -0.72 -3.67
CA ALA A 162 -2.42 0.10 -4.86
C ALA A 162 -1.38 1.16 -4.54
N TRP A 163 -0.22 1.06 -5.17
CA TRP A 163 0.95 1.83 -4.77
C TRP A 163 1.42 2.59 -5.98
N THR A 164 1.40 3.92 -5.91
CA THR A 164 1.71 4.72 -7.10
C THR A 164 2.94 5.61 -6.94
N ALA A 165 3.80 5.60 -7.94
CA ALA A 165 4.96 6.47 -7.96
C ALA A 165 4.53 7.91 -8.17
N MET A 166 4.92 8.78 -7.23
CA MET A 166 4.76 10.24 -7.36
C MET A 166 5.98 10.93 -7.96
N GLU A 167 6.92 10.17 -8.49
CA GLU A 167 8.05 10.69 -9.28
C GLU A 167 8.75 9.49 -9.89
N HIS A 168 9.86 9.74 -10.59
CA HIS A 168 10.64 8.64 -11.17
C HIS A 168 11.29 7.84 -10.05
N ILE A 169 10.92 6.57 -9.95
CA ILE A 169 11.48 5.66 -8.96
C ILE A 169 12.24 4.54 -9.64
N SER A 170 13.53 4.49 -9.33
CA SER A 170 14.46 3.52 -9.92
C SER A 170 15.17 2.79 -8.79
N ARG A 171 16.26 2.12 -9.14
CA ARG A 171 17.00 1.30 -8.18
C ARG A 171 17.82 2.20 -7.24
N ASN A 172 18.30 3.33 -7.77
CA ASN A 172 19.06 4.33 -6.99
C ASN A 172 18.34 4.98 -5.82
N ASN A 173 17.07 5.33 -6.00
CA ASN A 173 16.32 5.96 -4.90
C ASN A 173 15.36 5.06 -4.15
N GLY A 174 15.59 3.76 -4.21
CA GLY A 174 14.91 2.83 -3.32
C GLY A 174 13.54 2.48 -3.80
N CYS A 175 13.45 1.87 -4.96
CA CYS A 175 12.18 1.32 -5.44
C CYS A 175 11.81 0.05 -4.67
N LEU A 176 10.62 -0.46 -4.92
CA LEU A 176 10.13 -1.65 -4.24
C LEU A 176 10.86 -2.86 -4.80
N VAL A 177 11.23 -3.78 -3.90
CA VAL A 177 11.71 -5.11 -4.30
C VAL A 177 10.61 -6.12 -4.00
N VAL A 178 10.46 -7.09 -4.89
CA VAL A 178 9.47 -8.14 -4.67
C VAL A 178 10.06 -9.51 -4.94
N LEU A 179 9.57 -10.48 -4.16
CA LEU A 179 9.89 -11.89 -4.32
C LEU A 179 8.69 -12.50 -5.02
N PRO A 180 8.74 -12.63 -6.35
CA PRO A 180 7.59 -13.10 -7.12
C PRO A 180 7.10 -14.46 -6.67
N GLY A 181 5.78 -14.64 -6.64
CA GLY A 181 5.18 -15.92 -6.27
C GLY A 181 5.09 -16.23 -4.77
N THR A 182 5.63 -15.37 -3.91
CA THR A 182 5.51 -15.64 -2.45
C THR A 182 4.11 -15.31 -1.91
N HIS A 183 3.26 -14.67 -2.70
CA HIS A 183 1.85 -14.52 -2.36
C HIS A 183 1.06 -15.85 -2.20
N LYS A 184 1.67 -16.94 -2.67
CA LYS A 184 1.09 -18.28 -2.64
C LYS A 184 1.40 -18.98 -1.36
N GLY A 185 2.34 -18.42 -0.61
CA GLY A 185 2.85 -19.06 0.60
C GLY A 185 2.09 -18.57 1.84
N SER A 186 2.57 -18.99 3.01
CA SER A 186 1.84 -18.72 4.24
C SER A 186 2.17 -17.32 4.76
N LEU A 187 1.38 -16.84 5.72
CA LEU A 187 1.75 -15.67 6.48
C LEU A 187 2.92 -16.08 7.38
N LYS A 188 4.05 -15.42 7.20
CA LYS A 188 5.24 -15.66 8.00
C LYS A 188 5.24 -14.81 9.25
N PRO A 189 5.99 -15.24 10.29
CA PRO A 189 6.16 -14.42 11.49
C PRO A 189 7.04 -13.19 11.23
N HIS A 190 6.74 -12.07 11.90
CA HIS A 190 7.50 -10.81 11.77
C HIS A 190 7.91 -10.27 13.13
N ASP A 191 9.12 -9.67 13.22
CA ASP A 191 9.60 -8.88 14.38
C ASP A 191 9.65 -7.37 14.07
N TYR A 192 8.84 -6.57 14.78
CA TYR A 192 8.77 -5.08 14.58
C TYR A 192 7.56 -4.48 15.31
N HIS A 204 7.84 -5.16 9.72
CA HIS A 204 9.18 -4.87 9.17
C HIS A 204 10.17 -5.98 9.55
N GLY A 205 9.86 -7.21 9.17
CA GLY A 205 10.14 -8.32 10.07
C GLY A 205 10.64 -9.69 9.64
N ILE A 206 10.33 -10.18 8.44
CA ILE A 206 10.59 -11.62 8.20
C ILE A 206 12.08 -12.03 8.31
N GLN A 207 12.42 -12.86 9.28
CA GLN A 207 13.81 -13.26 9.53
C GLN A 207 14.10 -14.70 9.09
N ASP A 208 13.72 -15.05 7.86
CA ASP A 208 14.00 -16.38 7.27
C ASP A 208 15.29 -16.30 6.48
N GLU A 210 13.26 -18.72 2.54
CA GLU A 210 11.96 -19.12 1.97
C GLU A 210 11.74 -18.54 0.57
N GLU A 211 12.82 -18.39 -0.20
CA GLU A 211 12.78 -17.55 -1.41
C GLU A 211 12.46 -18.34 -2.68
N ASN A 212 13.49 -18.81 -3.37
CA ASN A 212 13.31 -19.61 -4.59
C ASN A 212 12.39 -18.97 -5.67
N LYS A 213 12.72 -17.71 -5.98
CA LYS A 213 12.41 -17.05 -7.26
C LYS A 213 13.12 -15.67 -7.20
N ALA A 214 13.90 -15.35 -8.24
CA ALA A 214 14.82 -14.19 -8.23
C ALA A 214 14.10 -12.84 -8.04
N ARG A 215 14.62 -12.00 -7.15
CA ARG A 215 13.94 -10.74 -6.82
C ARG A 215 13.75 -9.83 -8.03
N VAL A 216 12.70 -9.04 -7.96
CA VAL A 216 12.46 -8.04 -8.98
C VAL A 216 12.45 -6.67 -8.31
N HIS A 217 13.21 -5.74 -8.87
CA HIS A 217 13.17 -4.34 -8.51
C HIS A 217 12.20 -3.60 -9.44
N LEU A 218 11.15 -3.04 -8.87
CA LEU A 218 10.13 -2.35 -9.62
C LEU A 218 10.51 -0.92 -9.92
N VAL A 219 11.25 -0.72 -11.01
CA VAL A 219 11.53 0.63 -11.46
C VAL A 219 10.22 1.10 -12.09
N MET A 220 9.75 2.26 -11.64
CA MET A 220 8.49 2.83 -12.12
C MET A 220 8.73 4.28 -12.48
N GLU A 221 7.96 4.76 -13.46
CA GLU A 221 7.88 6.17 -13.78
C GLU A 221 6.74 6.80 -13.00
N LYS A 222 6.80 8.12 -12.85
CA LYS A 222 5.73 8.95 -12.27
C LYS A 222 4.35 8.59 -12.83
N GLY A 223 3.38 8.37 -11.94
CA GLY A 223 2.03 7.97 -12.34
C GLY A 223 1.83 6.47 -12.48
N ASP A 224 2.91 5.71 -12.72
CA ASP A 224 2.80 4.25 -12.80
C ASP A 224 2.28 3.74 -11.45
N THR A 225 1.49 2.67 -11.51
CA THR A 225 0.93 2.04 -10.30
C THR A 225 1.23 0.55 -10.28
N VAL A 226 1.59 0.06 -9.10
CA VAL A 226 1.70 -1.38 -8.90
C VAL A 226 0.53 -1.87 -8.00
N PHE A 227 -0.04 -3.01 -8.37
CA PHE A 227 -1.09 -3.70 -7.60
C PHE A 227 -0.45 -4.97 -7.08
N PHE A 228 -0.62 -5.24 -5.79
CA PHE A 228 -0.01 -6.43 -5.22
C PHE A 228 -0.69 -6.97 -3.97
N HIS A 229 -0.48 -8.27 -3.76
CA HIS A 229 -1.15 -9.12 -2.76
C HIS A 229 -0.52 -8.94 -1.37
N PRO A 230 -1.31 -9.02 -0.28
CA PRO A 230 -0.86 -8.82 1.11
C PRO A 230 0.12 -9.80 1.66
N LEU A 231 0.22 -10.97 1.00
CA LEU A 231 1.21 -11.98 1.31
C LEU A 231 2.44 -11.96 0.39
N LEU A 232 2.46 -11.05 -0.58
CA LEU A 232 3.70 -10.84 -1.37
C LEU A 232 4.83 -10.27 -0.50
N ILE A 233 5.96 -10.97 -0.50
CA ILE A 233 7.12 -10.55 0.27
C ILE A 233 7.86 -9.45 -0.54
N HIS A 234 8.04 -8.31 0.12
CA HIS A 234 8.59 -7.13 -0.52
C HIS A 234 9.27 -6.22 0.51
N GLY A 235 9.94 -5.20 -0.01
CA GLY A 235 10.68 -4.21 0.76
C GLY A 235 11.14 -3.09 -0.16
N SER A 236 11.67 -2.02 0.41
CA SER A 236 12.23 -0.92 -0.37
C SER A 236 13.73 -0.97 -0.28
N GLY A 237 14.38 -0.74 -1.42
CA GLY A 237 15.84 -0.77 -1.47
C GLY A 237 16.39 0.51 -0.89
N GLN A 238 17.71 0.62 -0.91
CA GLN A 238 18.38 1.79 -0.37
C GLN A 238 18.10 3.02 -1.23
N ASN A 239 17.82 4.15 -0.59
CA ASN A 239 17.75 5.44 -1.26
C ASN A 239 19.14 6.10 -1.16
N LYS A 240 19.99 5.79 -2.15
CA LYS A 240 21.38 6.31 -2.21
C LYS A 240 21.49 7.66 -2.94
N THR A 241 20.36 8.36 -3.08
CA THR A 241 20.33 9.70 -3.62
C THR A 241 20.18 10.66 -2.44
N GLN A 242 20.15 11.97 -2.74
CA GLN A 242 19.99 13.00 -1.72
C GLN A 242 18.56 13.48 -1.61
N GLY A 243 17.66 12.89 -2.41
CA GLY A 243 16.26 13.29 -2.43
C GLY A 243 15.34 12.39 -1.64
N PHE A 244 14.18 12.94 -1.25
CA PHE A 244 13.15 12.17 -0.57
C PHE A 244 12.20 11.59 -1.60
N ARG A 245 11.99 10.29 -1.52
CA ARG A 245 11.34 9.56 -2.59
C ARG A 245 9.87 9.26 -2.23
N LYS A 246 8.95 9.84 -3.00
CA LYS A 246 7.54 9.84 -2.67
C LYS A 246 6.73 8.78 -3.42
N ALA A 247 5.89 8.07 -2.69
CA ALA A 247 4.87 7.23 -3.28
C ALA A 247 3.63 7.37 -2.43
N ILE A 248 2.46 7.19 -3.04
CA ILE A 248 1.20 7.23 -2.31
C ILE A 248 0.58 5.86 -2.46
N SER A 249 -0.10 5.38 -1.43
CA SER A 249 -0.70 4.06 -1.51
C SER A 249 -1.89 3.83 -0.62
N CYS A 250 -2.68 2.84 -1.03
CA CYS A 250 -3.88 2.42 -0.35
C CYS A 250 -4.04 0.90 -0.47
N HIS A 251 -4.46 0.26 0.63
CA HIS A 251 -4.89 -1.13 0.60
C HIS A 251 -6.38 -1.16 0.62
N PHE A 252 -6.94 -1.84 -0.37
CA PHE A 252 -8.39 -1.94 -0.50
C PHE A 252 -8.78 -3.36 -0.11
N ALA A 253 -10.02 -3.55 0.34
CA ALA A 253 -10.52 -4.89 0.64
C ALA A 253 -12.00 -4.97 0.31
N SER A 254 -12.45 -6.16 -0.10
CA SER A 254 -13.87 -6.39 -0.34
C SER A 254 -14.62 -6.17 0.96
N ALA A 255 -15.76 -5.50 0.86
CA ALA A 255 -16.60 -5.22 1.99
C ALA A 255 -17.11 -6.48 2.62
N ASP A 256 -17.11 -7.57 1.84
CA ASP A 256 -17.56 -8.87 2.32
C ASP A 256 -16.57 -9.55 3.24
N CYS A 257 -15.36 -9.01 3.35
CA CYS A 257 -14.30 -9.56 4.21
C CYS A 257 -14.78 -9.54 5.65
N HIS A 258 -14.00 -10.13 6.55
CA HIS A 258 -14.32 -10.15 7.98
C HIS A 258 -13.10 -9.96 8.85
N TYR A 259 -13.32 -9.67 10.12
CA TYR A 259 -12.25 -9.39 11.06
C TYR A 259 -11.92 -10.61 11.88
N ILE A 260 -10.64 -10.90 12.02
CA ILE A 260 -10.20 -12.08 12.77
C ILE A 260 -9.62 -11.68 14.12
N ASP A 261 -9.74 -12.58 15.11
CA ASP A 261 -9.03 -12.44 16.37
C ASP A 261 -7.59 -12.89 16.14
N VAL A 262 -6.62 -12.02 16.46
CA VAL A 262 -5.17 -12.34 16.36
C VAL A 262 -4.52 -12.88 17.66
N LYS A 263 -5.28 -13.08 18.74
CA LYS A 263 -4.69 -13.65 19.98
C LYS A 263 -4.26 -15.08 19.70
N GLY A 264 -3.06 -15.43 20.14
CA GLY A 264 -2.50 -16.77 19.93
C GLY A 264 -1.99 -17.02 18.53
N THR A 265 -1.89 -15.98 17.69
CA THR A 265 -1.35 -16.15 16.33
C THR A 265 -0.05 -15.38 16.13
N SER A 266 0.54 -15.52 14.94
CA SER A 266 1.75 -14.76 14.62
C SER A 266 1.45 -13.27 14.76
N GLN A 267 0.20 -12.88 14.48
CA GLN A 267 -0.24 -11.47 14.51
C GLN A 267 -0.52 -10.89 15.89
N GLU A 268 -0.39 -11.69 16.96
CA GLU A 268 -0.73 -11.18 18.30
C GLU A 268 -0.15 -9.79 18.52
N ASN A 269 1.10 -9.59 18.11
CA ASN A 269 1.85 -8.39 18.48
C ASN A 269 1.24 -7.06 18.04
N ILE A 270 0.60 -7.05 16.86
CA ILE A 270 0.03 -5.82 16.30
C ILE A 270 -0.92 -5.10 17.28
N GLU A 271 -1.76 -5.83 18.02
CA GLU A 271 -2.61 -5.20 19.05
C GLU A 271 -1.86 -4.16 19.91
N LYS A 272 -0.59 -4.44 20.22
CA LYS A 272 0.33 -3.49 20.87
C LYS A 272 -0.12 -3.16 22.27
N ASN A 289 -11.28 -2.11 21.04
CA ASN A 289 -10.63 -3.28 20.47
C ASN A 289 -10.28 -3.12 18.98
N LEU A 290 -9.46 -4.03 18.46
CA LEU A 290 -8.80 -3.83 17.18
C LEU A 290 -9.80 -3.76 16.03
N LYS A 291 -10.84 -4.60 16.10
CA LYS A 291 -11.94 -4.58 15.13
C LYS A 291 -12.49 -3.17 14.94
N ASP A 292 -12.58 -2.43 16.04
CA ASP A 292 -13.23 -1.11 16.02
C ASP A 292 -12.36 0.00 15.42
N ILE A 293 -11.06 -0.03 15.72
CA ILE A 293 -10.12 0.92 15.17
C ILE A 293 -10.07 0.79 13.65
N TRP A 294 -10.11 -0.44 13.18
CA TRP A 294 -10.13 -0.70 11.76
C TRP A 294 -11.51 -0.38 11.16
N MET A 295 -12.57 -0.64 11.93
CA MET A 295 -13.90 -0.24 11.51
C MET A 295 -14.05 1.29 11.46
N PHE A 296 -13.55 2.00 12.47
CA PHE A 296 -13.59 3.46 12.45
C PHE A 296 -12.78 4.07 11.31
N ARG A 297 -11.73 3.36 10.88
CA ARG A 297 -10.83 3.81 9.84
C ARG A 297 -11.37 3.52 8.43
N ALA A 298 -12.10 2.41 8.29
CA ALA A 298 -12.59 1.97 6.97
C ALA A 298 -13.61 2.93 6.34
N ARG A 299 -13.50 3.14 5.03
CA ARG A 299 -14.37 4.03 4.26
C ARG A 299 -14.91 3.32 3.03
N LEU A 300 -16.22 3.42 2.80
CA LEU A 300 -16.80 2.80 1.60
C LEU A 300 -16.50 3.64 0.38
N VAL A 301 -15.86 3.02 -0.60
CA VAL A 301 -15.36 3.72 -1.78
C VAL A 301 -16.15 3.32 -3.05
N LYS A 302 -16.76 2.13 -3.08
CA LYS A 302 -17.70 1.77 -4.15
C LYS A 302 -18.57 0.58 -3.74
N GLY A 303 -19.78 0.53 -4.29
CA GLY A 303 -20.74 -0.52 -3.97
C GLY A 303 -21.44 -0.24 -2.65
N GLU A 304 -21.47 -1.24 -1.76
CA GLU A 304 -22.10 -1.10 -0.45
C GLU A 304 -21.20 -1.65 0.65
N ARG A 305 -21.30 -1.05 1.83
CA ARG A 305 -20.61 -1.53 3.04
C ARG A 305 -21.39 -2.74 3.57
N THR A 306 -21.01 -3.91 3.08
CA THR A 306 -21.65 -5.16 3.49
C THR A 306 -21.21 -5.55 4.90
N ASN A 307 -19.97 -5.98 5.06
CA ASN A 307 -19.56 -6.60 6.32
C ASN A 307 -18.41 -5.95 7.06
N LEU A 308 -17.43 -5.41 6.34
CA LEU A 308 -16.36 -4.67 6.98
C LEU A 308 -16.89 -3.33 7.53
#